data_1ZX4
#
_entry.id   1ZX4
#
_cell.length_a   154.600
_cell.length_b   154.600
_cell.length_c   132.300
_cell.angle_alpha   90.00
_cell.angle_beta   90.00
_cell.angle_gamma   120.00
#
_symmetry.space_group_name_H-M   'P 62 2 2'
#
loop_
_entity.id
_entity.type
_entity.pdbx_description
1 polymer 'parS-small DNA centromere site'
2 polymer 'parS-small DNA centromere site'
3 polymer 'Plasmid Partition par B protein'
4 non-polymer 'CITRIC ACID'
5 water water
#
loop_
_entity_poly.entity_id
_entity_poly.type
_entity_poly.pdbx_seq_one_letter_code
_entity_poly.pdbx_strand_id
1 'polydeoxyribonucleotide'
;(DG)(DC)(DG)(DA)(DT)(DT)(DT)(DC)(DA)(DA)(DG)(DG)(DT)(DG)(DA)(DA)(DA)(DT)(DC)(DG)
(DC)(DC)(DA)(DC)(DG)
;
T
2 'polydeoxyribonucleotide'
;(DC)(DG)(DT)(DG)(DG)(DC)(DG)(DA)(DT)(DT)(DT)(DC)(DA)(DC)(DC)(DT)(DT)(DG)(DA)(DA)
(DA)(DT)(DC)(DG)(DC)
;
S
3 'polypeptide(L)'
;DVQTALQHSIREIGLRL(MSE)R(MSE)KNDG(MSE)SQKDIAAKEGLSQAKVTRALQAASAPEELVALFPVQSELTFSD
YKTLCAVGDE(MSE)GNKNLEFDQLIQNISPEINDILSINE(MSE)AEDEVKNKILRLITKEASLLTDKGSKDKSVVTEL
WKFEDKDRFARKRVKGRAFSYEFNRLSKELQEELDR(MSE)IGHILRKSLDKKPKP
;
A,B
#
# COMPACT_ATOMS: atom_id res chain seq x y z
N ALA C 5 -32.83 -35.34 -5.22
CA ALA C 5 -31.45 -35.07 -5.72
C ALA C 5 -31.29 -33.61 -6.10
N LEU C 6 -32.34 -32.83 -6.00
CA LEU C 6 -32.20 -31.41 -6.35
C LEU C 6 -32.36 -30.42 -5.19
N GLN C 7 -33.01 -30.82 -4.10
CA GLN C 7 -33.18 -29.91 -2.95
C GLN C 7 -31.90 -29.15 -2.85
N HIS C 8 -30.82 -29.84 -3.19
CA HIS C 8 -29.56 -29.18 -3.18
C HIS C 8 -28.70 -29.33 -4.41
N SER C 9 -28.14 -28.17 -4.72
CA SER C 9 -27.28 -27.85 -5.82
C SER C 9 -26.72 -28.98 -6.65
N ILE C 10 -26.81 -28.83 -7.98
CA ILE C 10 -26.25 -29.82 -8.87
C ILE C 10 -24.93 -30.15 -8.16
N ARG C 11 -24.31 -29.08 -7.66
CA ARG C 11 -23.06 -29.08 -6.93
C ARG C 11 -22.95 -30.15 -5.83
N GLU C 12 -23.95 -30.25 -4.97
CA GLU C 12 -23.92 -31.24 -3.89
C GLU C 12 -24.05 -32.65 -4.44
N ILE C 13 -24.60 -32.76 -5.64
CA ILE C 13 -24.74 -34.05 -6.29
C ILE C 13 -23.32 -34.30 -6.72
N GLY C 14 -22.71 -33.26 -7.27
CA GLY C 14 -21.33 -33.33 -7.70
C GLY C 14 -20.46 -33.77 -6.53
N LEU C 15 -20.63 -33.17 -5.37
CA LEU C 15 -19.84 -33.54 -4.21
C LEU C 15 -19.81 -35.04 -4.13
N ARG C 16 -20.98 -35.65 -4.19
CA ARG C 16 -21.11 -37.09 -4.13
C ARG C 16 -20.41 -37.74 -5.31
N LEU C 17 -20.82 -37.35 -6.51
CA LEU C 17 -20.24 -37.90 -7.72
C LEU C 17 -18.72 -37.90 -7.67
N ARG C 19 -16.90 -38.02 -4.75
CA ARG C 19 -16.55 -38.92 -3.68
C ARG C 19 -16.39 -40.33 -4.26
N LYS C 21 -16.22 -40.93 -7.69
CA LYS C 21 -15.21 -40.74 -8.71
C LYS C 21 -13.86 -40.95 -8.04
N ASN C 22 -13.53 -40.11 -7.07
CA ASN C 22 -12.27 -40.23 -6.35
C ASN C 22 -11.97 -41.68 -5.96
N ASP C 23 -13.02 -42.44 -5.65
CA ASP C 23 -12.83 -43.82 -5.25
C ASP C 23 -12.60 -44.79 -6.37
N GLY C 24 -12.38 -44.26 -7.56
CA GLY C 24 -12.16 -45.12 -8.70
C GLY C 24 -13.50 -45.57 -9.24
N SER C 26 -16.00 -44.79 -12.96
CA SER C 26 -16.11 -44.07 -14.19
C SER C 26 -17.51 -43.51 -14.13
N GLN C 27 -17.71 -42.32 -14.71
CA GLN C 27 -19.03 -41.71 -14.71
C GLN C 27 -20.01 -42.74 -15.25
N LYS C 28 -19.62 -43.40 -16.34
CA LYS C 28 -20.46 -44.42 -16.93
C LYS C 28 -20.99 -45.35 -15.83
N ASP C 29 -20.14 -45.61 -14.84
CA ASP C 29 -20.49 -46.49 -13.72
C ASP C 29 -21.35 -45.80 -12.68
N ILE C 30 -20.91 -44.63 -12.24
CA ILE C 30 -21.67 -43.89 -11.25
C ILE C 30 -23.09 -43.76 -11.75
N ALA C 31 -23.23 -43.26 -12.98
CA ALA C 31 -24.55 -43.10 -13.59
C ALA C 31 -25.35 -44.34 -13.25
N ALA C 32 -24.71 -45.50 -13.36
CA ALA C 32 -25.36 -46.76 -13.07
C ALA C 32 -25.68 -46.88 -11.59
N LYS C 33 -24.64 -46.90 -10.77
CA LYS C 33 -24.82 -47.04 -9.33
C LYS C 33 -25.80 -46.07 -8.70
N GLU C 34 -26.03 -44.93 -9.35
CA GLU C 34 -26.96 -43.94 -8.78
C GLU C 34 -28.30 -43.82 -9.50
N GLY C 35 -28.29 -44.03 -10.81
CA GLY C 35 -29.53 -43.89 -11.57
C GLY C 35 -29.57 -42.51 -12.22
N LEU C 36 -28.42 -42.06 -12.68
CA LEU C 36 -28.35 -40.76 -13.34
C LEU C 36 -27.89 -40.99 -14.75
N SER C 37 -28.23 -40.06 -15.62
CA SER C 37 -27.82 -40.17 -16.99
C SER C 37 -26.33 -39.81 -17.08
N GLN C 38 -25.53 -40.65 -17.74
CA GLN C 38 -24.08 -40.41 -17.99
C GLN C 38 -23.98 -38.90 -18.27
N ALA C 39 -24.99 -38.39 -18.98
CA ALA C 39 -25.01 -36.98 -19.38
C ALA C 39 -25.19 -35.98 -18.27
N LYS C 40 -25.82 -36.41 -17.20
CA LYS C 40 -26.02 -35.53 -16.06
C LYS C 40 -24.75 -35.59 -15.25
N VAL C 41 -24.27 -36.80 -15.00
CA VAL C 41 -23.07 -36.97 -14.20
C VAL C 41 -21.95 -36.13 -14.77
N THR C 42 -22.00 -35.86 -16.07
CA THR C 42 -20.97 -35.00 -16.60
C THR C 42 -21.20 -33.66 -15.94
N ARG C 43 -22.39 -33.13 -16.23
CA ARG C 43 -22.90 -31.85 -15.76
C ARG C 43 -22.74 -31.67 -14.25
N ALA C 44 -23.22 -32.61 -13.45
CA ALA C 44 -23.10 -32.49 -12.00
C ALA C 44 -21.65 -32.30 -11.52
N LEU C 45 -20.69 -32.98 -12.16
CA LEU C 45 -19.27 -32.83 -11.79
C LEU C 45 -18.78 -31.54 -12.45
N GLN C 46 -19.11 -31.38 -13.73
CA GLN C 46 -18.71 -30.17 -14.43
C GLN C 46 -18.99 -28.97 -13.54
N ALA C 47 -20.16 -28.96 -12.88
CA ALA C 47 -20.55 -27.89 -11.99
C ALA C 47 -19.79 -27.95 -10.68
N ALA C 48 -19.71 -29.15 -10.10
CA ALA C 48 -19.02 -29.34 -8.82
C ALA C 48 -17.55 -28.98 -8.92
N SER C 49 -17.14 -28.53 -10.10
CA SER C 49 -15.76 -28.14 -10.35
C SER C 49 -15.61 -26.63 -10.37
N ALA C 50 -16.72 -25.92 -10.51
CA ALA C 50 -16.69 -24.47 -10.59
C ALA C 50 -15.88 -23.86 -9.44
N PRO C 51 -15.01 -22.90 -9.76
CA PRO C 51 -14.12 -22.18 -8.85
C PRO C 51 -14.80 -21.73 -7.58
N GLU C 52 -14.70 -22.53 -6.53
CA GLU C 52 -15.31 -22.19 -5.26
C GLU C 52 -15.38 -20.66 -5.06
N GLU C 53 -14.24 -20.00 -5.25
CA GLU C 53 -14.11 -18.55 -5.07
C GLU C 53 -15.22 -17.76 -5.75
N LEU C 54 -15.30 -17.91 -7.06
CA LEU C 54 -16.32 -17.23 -7.83
C LEU C 54 -17.71 -17.63 -7.33
N VAL C 55 -17.97 -18.94 -7.29
CA VAL C 55 -19.27 -19.42 -6.82
C VAL C 55 -19.70 -18.65 -5.59
N ALA C 56 -18.74 -18.38 -4.71
CA ALA C 56 -19.02 -17.69 -3.45
C ALA C 56 -19.41 -16.21 -3.54
N LEU C 57 -19.36 -15.64 -4.74
CA LEU C 57 -19.72 -14.24 -4.87
C LEU C 57 -21.24 -14.12 -4.87
N PHE C 58 -21.90 -15.05 -5.54
CA PHE C 58 -23.35 -15.02 -5.66
C PHE C 58 -24.18 -15.24 -4.39
N PRO C 59 -25.33 -14.53 -4.29
CA PRO C 59 -26.30 -14.55 -3.18
C PRO C 59 -27.17 -15.81 -3.16
N VAL C 60 -27.70 -16.15 -4.34
CA VAL C 60 -28.58 -17.32 -4.51
C VAL C 60 -27.96 -18.35 -5.46
N GLN C 61 -26.90 -19.04 -5.04
CA GLN C 61 -26.26 -20.02 -5.93
C GLN C 61 -27.35 -20.91 -6.54
N SER C 62 -28.46 -21.01 -5.82
CA SER C 62 -29.63 -21.78 -6.23
C SER C 62 -30.12 -21.18 -7.54
N GLU C 63 -29.81 -19.92 -7.78
CA GLU C 63 -30.25 -19.29 -8.99
C GLU C 63 -29.18 -19.40 -10.07
N LEU C 64 -28.05 -19.96 -9.65
CA LEU C 64 -26.89 -20.10 -10.52
C LEU C 64 -27.18 -21.24 -11.37
N THR C 65 -27.23 -21.02 -12.68
CA THR C 65 -27.51 -22.12 -13.59
C THR C 65 -26.23 -22.80 -13.98
N PHE C 66 -26.32 -24.06 -14.39
CA PHE C 66 -25.16 -24.81 -14.81
C PHE C 66 -24.37 -24.11 -15.91
N SER C 67 -25.02 -23.78 -17.02
CA SER C 67 -24.32 -23.10 -18.12
C SER C 67 -23.49 -21.94 -17.61
N ASP C 68 -23.96 -21.39 -16.50
CA ASP C 68 -23.31 -20.25 -15.88
C ASP C 68 -22.04 -20.81 -15.31
N TYR C 69 -22.24 -21.84 -14.49
CA TYR C 69 -21.12 -22.56 -13.88
C TYR C 69 -20.08 -22.92 -14.94
N LYS C 70 -20.56 -23.51 -16.03
CA LYS C 70 -19.69 -23.88 -17.14
C LYS C 70 -18.78 -22.71 -17.53
N THR C 71 -19.32 -21.48 -17.53
CA THR C 71 -18.55 -20.27 -17.87
C THR C 71 -17.89 -19.70 -16.61
N LEU C 72 -18.39 -20.09 -15.45
CA LEU C 72 -17.84 -19.66 -14.18
C LEU C 72 -16.58 -20.51 -13.99
N CYS C 73 -16.74 -21.81 -14.20
CA CYS C 73 -15.64 -22.76 -14.07
C CYS C 73 -14.72 -22.56 -15.28
N ALA C 74 -15.23 -21.86 -16.28
CA ALA C 74 -14.43 -21.55 -17.46
C ALA C 74 -13.52 -20.37 -17.14
N VAL C 75 -14.10 -19.29 -16.61
CA VAL C 75 -13.34 -18.10 -16.23
C VAL C 75 -12.30 -18.53 -15.19
N GLY C 76 -12.68 -19.51 -14.38
CA GLY C 76 -11.79 -20.03 -13.36
C GLY C 76 -10.42 -20.40 -13.90
N ASP C 77 -10.37 -21.40 -14.77
CA ASP C 77 -9.09 -21.82 -15.32
C ASP C 77 -8.51 -20.88 -16.40
N GLU C 78 -9.36 -20.12 -17.09
CA GLU C 78 -8.89 -19.19 -18.13
C GLU C 78 -8.18 -18.01 -17.45
N GLY C 80 -5.78 -18.57 -15.03
CA GLY C 80 -4.73 -19.27 -14.33
C GLY C 80 -5.15 -20.25 -13.26
N ASN C 81 -6.38 -20.10 -12.79
CA ASN C 81 -6.90 -20.96 -11.74
C ASN C 81 -5.86 -21.04 -10.61
N LYS C 82 -5.57 -19.88 -10.03
CA LYS C 82 -4.63 -19.77 -8.91
C LYS C 82 -5.11 -18.67 -7.96
N ASN C 83 -4.89 -18.91 -6.67
CA ASN C 83 -5.31 -18.00 -5.60
C ASN C 83 -5.18 -16.50 -5.89
N LEU C 84 -3.95 -16.06 -6.15
CA LEU C 84 -3.65 -14.66 -6.41
C LEU C 84 -4.48 -13.99 -7.50
N GLU C 85 -4.97 -14.77 -8.45
CA GLU C 85 -5.78 -14.19 -9.51
C GLU C 85 -7.20 -13.95 -9.04
N PHE C 86 -7.86 -15.04 -8.61
CA PHE C 86 -9.22 -14.93 -8.11
C PHE C 86 -9.24 -13.81 -7.07
N ASP C 87 -8.29 -13.85 -6.14
CA ASP C 87 -8.20 -12.84 -5.09
C ASP C 87 -8.35 -11.45 -5.69
N GLN C 88 -7.46 -11.15 -6.64
CA GLN C 88 -7.43 -9.85 -7.32
C GLN C 88 -8.75 -9.44 -7.96
N LEU C 89 -9.31 -10.30 -8.80
CA LEU C 89 -10.57 -10.01 -9.48
C LEU C 89 -11.65 -9.61 -8.52
N ILE C 90 -11.86 -10.43 -7.49
CA ILE C 90 -12.86 -10.16 -6.48
C ILE C 90 -12.72 -8.68 -6.11
N GLN C 91 -11.54 -8.36 -5.58
CA GLN C 91 -11.24 -7.01 -5.18
C GLN C 91 -11.86 -6.03 -6.17
N ASN C 92 -11.50 -6.19 -7.44
CA ASN C 92 -12.00 -5.34 -8.51
C ASN C 92 -13.51 -5.19 -8.61
N ILE C 93 -14.21 -6.31 -8.82
CA ILE C 93 -15.67 -6.27 -8.96
C ILE C 93 -16.42 -6.07 -7.66
N SER C 94 -15.89 -6.60 -6.56
CA SER C 94 -16.56 -6.48 -5.26
C SER C 94 -17.28 -5.16 -5.02
N PRO C 95 -16.61 -4.03 -5.28
CA PRO C 95 -17.31 -2.75 -5.04
C PRO C 95 -18.61 -2.72 -5.84
N GLU C 96 -18.48 -2.63 -7.15
CA GLU C 96 -19.62 -2.60 -8.05
C GLU C 96 -20.60 -3.74 -7.75
N ILE C 97 -20.10 -4.83 -7.17
CA ILE C 97 -20.94 -5.97 -6.87
C ILE C 97 -21.89 -5.74 -5.71
N ASN C 98 -21.36 -5.38 -4.54
CA ASN C 98 -22.23 -5.13 -3.39
C ASN C 98 -23.14 -3.97 -3.74
N ASP C 99 -22.65 -3.14 -4.65
CA ASP C 99 -23.39 -1.98 -5.12
C ASP C 99 -24.67 -2.52 -5.74
N ILE C 100 -24.61 -3.78 -6.19
CA ILE C 100 -25.74 -4.45 -6.81
C ILE C 100 -26.73 -4.99 -5.78
N LEU C 101 -26.35 -5.01 -4.51
CA LEU C 101 -27.26 -5.49 -3.48
C LEU C 101 -28.07 -4.32 -2.91
N SER C 102 -27.68 -3.11 -3.30
CA SER C 102 -28.38 -1.91 -2.86
C SER C 102 -29.71 -1.92 -3.61
N ILE C 103 -29.58 -2.06 -4.93
CA ILE C 103 -30.70 -2.09 -5.86
C ILE C 103 -31.41 -3.43 -5.88
N GLU C 105 -35.21 -3.90 -5.53
CA GLU C 105 -36.06 -3.88 -6.72
C GLU C 105 -36.11 -5.25 -7.39
N ALA C 107 -35.39 -9.14 -8.90
CA ALA C 107 -35.45 -10.46 -8.28
C ALA C 107 -34.11 -11.17 -8.42
N GLU C 108 -34.03 -12.39 -7.90
CA GLU C 108 -32.79 -13.17 -7.94
C GLU C 108 -32.30 -13.40 -9.37
N ASP C 109 -33.23 -13.33 -10.31
CA ASP C 109 -32.91 -13.57 -11.71
C ASP C 109 -31.90 -12.63 -12.36
N GLU C 110 -32.15 -11.33 -12.27
CA GLU C 110 -31.24 -10.34 -12.87
C GLU C 110 -29.96 -10.16 -12.07
N VAL C 111 -30.06 -10.19 -10.73
CA VAL C 111 -28.88 -10.03 -9.89
C VAL C 111 -27.84 -11.08 -10.29
N LYS C 112 -28.30 -12.29 -10.59
CA LYS C 112 -27.40 -13.34 -11.01
C LYS C 112 -26.73 -12.90 -12.30
N ASN C 113 -27.53 -12.63 -13.31
CA ASN C 113 -26.98 -12.26 -14.59
C ASN C 113 -26.06 -11.05 -14.49
N LYS C 114 -26.29 -10.24 -13.47
CA LYS C 114 -25.50 -9.03 -13.27
C LYS C 114 -24.13 -9.38 -12.72
N ILE C 115 -24.12 -10.02 -11.56
CA ILE C 115 -22.89 -10.42 -10.88
C ILE C 115 -21.92 -11.17 -11.79
N LEU C 116 -22.46 -12.06 -12.61
CA LEU C 116 -21.65 -12.83 -13.55
C LEU C 116 -21.15 -11.92 -14.67
N ARG C 117 -21.96 -10.94 -15.05
CA ARG C 117 -21.56 -10.03 -16.12
C ARG C 117 -20.19 -9.46 -15.76
N LEU C 118 -20.05 -9.10 -14.48
CA LEU C 118 -18.80 -8.54 -13.97
C LEU C 118 -17.70 -9.58 -13.93
N ILE C 119 -17.99 -10.69 -13.28
CA ILE C 119 -17.01 -11.76 -13.16
C ILE C 119 -16.35 -12.06 -14.50
N THR C 120 -17.11 -11.94 -15.57
CA THR C 120 -16.60 -12.19 -16.91
C THR C 120 -15.88 -10.96 -17.46
N LYS C 121 -16.57 -9.82 -17.49
CA LYS C 121 -15.96 -8.60 -18.03
C LYS C 121 -14.67 -8.19 -17.30
N GLU C 122 -14.75 -8.07 -15.99
CA GLU C 122 -13.60 -7.68 -15.21
C GLU C 122 -12.47 -8.68 -15.40
N ALA C 123 -12.81 -9.95 -15.27
CA ALA C 123 -11.81 -10.99 -15.46
C ALA C 123 -11.24 -10.91 -16.87
N SER C 124 -12.09 -10.53 -17.83
CA SER C 124 -11.68 -10.41 -19.23
C SER C 124 -11.01 -9.07 -19.51
N LEU C 125 -10.84 -8.28 -18.46
CA LEU C 125 -10.21 -6.98 -18.58
C LEU C 125 -8.82 -7.11 -17.92
N LEU C 126 -8.73 -8.02 -16.95
CA LEU C 126 -7.50 -8.27 -16.23
C LEU C 126 -6.68 -9.23 -17.07
N THR C 127 -7.38 -10.10 -17.80
CA THR C 127 -6.73 -11.09 -18.66
C THR C 127 -6.01 -10.41 -19.82
N ASP C 128 -6.41 -9.18 -20.11
CA ASP C 128 -5.81 -8.39 -21.20
C ASP C 128 -4.37 -8.02 -20.91
N LYS C 129 -4.17 -7.44 -19.73
CA LYS C 129 -2.85 -6.99 -19.32
C LYS C 129 -1.98 -8.14 -18.79
N GLY C 130 -2.48 -9.37 -18.92
CA GLY C 130 -1.72 -10.54 -18.47
C GLY C 130 -0.77 -11.00 -19.55
N SER C 131 -1.22 -10.86 -20.80
CA SER C 131 -0.41 -11.21 -21.96
C SER C 131 0.17 -9.89 -22.46
N LYS C 132 -0.59 -8.82 -22.21
CA LYS C 132 -0.17 -7.46 -22.59
C LYS C 132 0.84 -6.98 -21.57
N ASP C 133 0.87 -7.64 -20.42
CA ASP C 133 1.79 -7.30 -19.35
C ASP C 133 1.82 -5.80 -19.05
N LYS C 134 0.63 -5.21 -18.93
CA LYS C 134 0.48 -3.79 -18.62
C LYS C 134 0.19 -3.73 -17.12
N SER C 135 0.66 -2.68 -16.46
CA SER C 135 0.43 -2.57 -15.03
C SER C 135 -1.05 -2.54 -14.74
N VAL C 136 -1.48 -3.36 -13.79
CA VAL C 136 -2.88 -3.44 -13.43
C VAL C 136 -3.06 -2.99 -12.02
N VAL C 137 -3.97 -2.03 -11.81
CA VAL C 137 -4.23 -1.52 -10.46
C VAL C 137 -5.67 -1.72 -10.04
N THR C 138 -5.84 -1.99 -8.75
CA THR C 138 -7.15 -2.21 -8.15
C THR C 138 -7.15 -1.32 -6.93
N GLU C 139 -8.16 -0.48 -6.80
CA GLU C 139 -8.24 0.43 -5.68
C GLU C 139 -8.75 -0.34 -4.47
N LEU C 140 -7.89 -0.50 -3.46
CA LEU C 140 -8.20 -1.21 -2.24
C LEU C 140 -9.40 -0.66 -1.49
N TRP C 141 -9.53 0.65 -1.42
CA TRP C 141 -10.67 1.24 -0.73
C TRP C 141 -11.09 2.47 -1.50
N LYS C 142 -12.37 2.79 -1.53
CA LYS C 142 -12.79 3.97 -2.26
C LYS C 142 -13.16 5.07 -1.28
N PHE C 143 -12.61 6.27 -1.47
CA PHE C 143 -12.87 7.39 -0.59
C PHE C 143 -13.80 8.42 -1.25
N GLU C 144 -14.75 8.95 -0.50
CA GLU C 144 -15.66 9.96 -1.04
C GLU C 144 -14.75 11.10 -1.47
N ASP C 145 -13.63 11.18 -0.79
CA ASP C 145 -12.61 12.21 -0.98
C ASP C 145 -12.03 12.34 -2.38
N LYS C 146 -11.45 13.50 -2.63
CA LYS C 146 -10.84 13.85 -3.90
C LYS C 146 -9.42 13.30 -3.99
N ASP C 147 -8.59 13.60 -3.01
CA ASP C 147 -7.20 13.15 -3.06
C ASP C 147 -6.83 11.96 -2.21
N ARG C 148 -7.79 11.24 -1.68
CA ARG C 148 -7.37 10.11 -0.89
C ARG C 148 -7.52 8.77 -1.57
N PHE C 149 -6.46 7.96 -1.53
CA PHE C 149 -6.56 6.65 -2.14
C PHE C 149 -5.70 5.55 -1.53
N ALA C 150 -6.21 4.33 -1.69
CA ALA C 150 -5.53 3.13 -1.23
C ALA C 150 -5.70 2.16 -2.41
N ARG C 151 -4.60 1.69 -2.98
CA ARG C 151 -4.66 0.79 -4.11
C ARG C 151 -3.41 -0.06 -4.27
N LYS C 152 -3.56 -1.09 -5.10
CA LYS C 152 -2.49 -2.02 -5.36
C LYS C 152 -2.31 -2.01 -6.84
N ARG C 153 -1.07 -2.19 -7.25
CA ARG C 153 -0.69 -2.19 -8.64
C ARG C 153 0.25 -3.32 -8.91
N VAL C 154 -0.20 -4.29 -9.73
CA VAL C 154 0.62 -5.45 -10.11
C VAL C 154 0.89 -5.28 -11.59
N LYS C 155 2.16 -5.17 -11.93
CA LYS C 155 2.59 -5.00 -13.31
C LYS C 155 3.67 -6.03 -13.48
N GLY C 156 3.28 -7.28 -13.55
CA GLY C 156 4.25 -8.33 -13.71
C GLY C 156 4.54 -9.10 -12.45
N ARG C 157 5.82 -9.27 -12.14
CA ARG C 157 6.22 -9.99 -10.95
C ARG C 157 6.50 -8.94 -9.88
N ALA C 158 6.27 -7.69 -10.26
CA ALA C 158 6.45 -6.55 -9.36
C ALA C 158 5.06 -6.10 -8.96
N PHE C 159 4.94 -5.60 -7.74
CA PHE C 159 3.64 -5.16 -7.22
C PHE C 159 3.87 -4.22 -6.06
N SER C 160 3.02 -3.21 -5.91
CA SER C 160 3.18 -2.25 -4.81
C SER C 160 1.88 -1.82 -4.17
N TYR C 161 1.99 -1.31 -2.95
CA TYR C 161 0.83 -0.84 -2.22
C TYR C 161 0.95 0.65 -2.08
N GLU C 162 0.08 1.37 -2.77
CA GLU C 162 0.11 2.83 -2.78
C GLU C 162 -1.04 3.49 -2.04
N PHE C 163 -0.68 4.43 -1.17
CA PHE C 163 -1.63 5.14 -0.32
C PHE C 163 -1.36 6.63 -0.37
N ASN C 164 -2.43 7.41 -0.26
CA ASN C 164 -2.28 8.86 -0.28
C ASN C 164 -3.14 9.54 0.76
N ARG C 165 -2.62 10.60 1.38
CA ARG C 165 -3.39 11.31 2.42
C ARG C 165 -4.05 10.30 3.36
N LEU C 166 -3.23 9.43 3.94
CA LEU C 166 -3.78 8.48 4.87
C LEU C 166 -3.20 8.67 6.25
N SER C 167 -4.02 8.35 7.26
CA SER C 167 -3.61 8.47 8.66
C SER C 167 -2.12 8.21 8.93
N LYS C 168 -1.67 8.59 10.12
CA LYS C 168 -0.29 8.31 10.49
C LYS C 168 -0.38 7.00 11.27
N GLU C 169 -1.57 6.75 11.78
CA GLU C 169 -1.88 5.53 12.49
C GLU C 169 -1.65 4.40 11.53
N LEU C 170 -1.94 4.67 10.26
CA LEU C 170 -1.74 3.68 9.22
C LEU C 170 -0.31 3.47 8.77
N GLN C 171 0.41 4.51 8.40
CA GLN C 171 1.79 4.26 7.99
C GLN C 171 2.44 3.54 9.14
N GLU C 172 2.04 3.94 10.34
CA GLU C 172 2.56 3.38 11.58
C GLU C 172 2.33 1.89 11.50
N GLU C 173 1.08 1.49 11.57
CA GLU C 173 0.70 0.09 11.54
C GLU C 173 1.36 -0.68 10.40
N LEU C 174 1.03 -0.29 9.17
CA LEU C 174 1.59 -0.94 8.00
C LEU C 174 3.10 -1.10 8.18
N ASP C 175 3.83 0.02 8.18
CA ASP C 175 5.28 -0.04 8.35
C ASP C 175 5.71 -1.14 9.32
N ARG C 176 5.02 -1.21 10.46
CA ARG C 176 5.30 -2.17 11.52
C ARG C 176 5.09 -3.58 11.04
N ILE C 178 4.40 -4.71 7.92
CA ILE C 178 5.13 -5.10 6.71
C ILE C 178 6.54 -5.54 7.09
N GLY C 179 7.21 -4.75 7.91
CA GLY C 179 8.57 -5.08 8.29
C GLY C 179 8.73 -6.36 9.06
N HIS C 180 7.70 -6.74 9.79
CA HIS C 180 7.80 -7.96 10.57
C HIS C 180 7.40 -9.18 9.75
N ILE C 181 6.59 -8.96 8.73
CA ILE C 181 6.17 -10.06 7.85
C ILE C 181 7.37 -10.36 6.98
N LEU C 182 8.14 -9.33 6.65
CA LEU C 182 9.34 -9.50 5.86
C LEU C 182 10.41 -10.14 6.73
N ARG C 183 10.14 -10.23 8.02
CA ARG C 183 11.08 -10.86 8.91
C ARG C 183 10.72 -12.33 8.84
N LYS C 184 9.42 -12.58 9.03
CA LYS C 184 8.84 -13.92 9.01
C LYS C 184 9.26 -14.81 7.83
N SER C 185 9.44 -14.24 6.65
CA SER C 185 9.85 -15.04 5.49
C SER C 185 11.21 -14.63 4.88
N SER D 9 19.18 30.29 19.45
CA SER D 9 19.94 31.58 19.54
C SER D 9 19.59 32.47 18.37
N ILE D 10 20.26 32.27 17.23
CA ILE D 10 19.98 33.07 16.04
C ILE D 10 18.60 32.64 15.55
N ARG D 11 18.32 31.35 15.67
CA ARG D 11 17.03 30.84 15.26
C ARG D 11 15.97 31.55 16.06
N GLU D 12 16.04 31.41 17.39
CA GLU D 12 15.08 32.04 18.28
C GLU D 12 14.83 33.45 17.78
N ILE D 13 15.91 34.21 17.65
CA ILE D 13 15.81 35.57 17.15
C ILE D 13 14.96 35.54 15.89
N GLY D 14 15.32 34.64 14.99
CA GLY D 14 14.58 34.52 13.77
C GLY D 14 13.09 34.40 14.07
N LEU D 15 12.68 33.27 14.63
CA LEU D 15 11.26 33.04 14.93
C LEU D 15 10.61 34.25 15.54
N ARG D 16 11.34 34.95 16.40
CA ARG D 16 10.78 36.13 17.07
C ARG D 16 10.59 37.18 15.99
N LEU D 17 11.67 37.55 15.31
CA LEU D 17 11.61 38.54 14.23
C LEU D 17 10.53 38.19 13.22
N ARG D 19 7.59 36.79 13.72
CA ARG D 19 6.30 37.32 14.18
C ARG D 19 6.12 38.71 13.57
N LYS D 21 7.51 39.90 10.88
CA LYS D 21 7.46 39.90 9.41
C LYS D 21 5.98 39.90 9.09
N ASN D 22 5.26 39.01 9.75
CA ASN D 22 3.82 38.87 9.56
C ASN D 22 3.06 39.95 10.32
N ASP D 23 3.78 40.72 11.14
CA ASP D 23 3.16 41.80 11.88
C ASP D 23 2.89 42.82 10.78
N GLY D 24 3.59 42.62 9.66
CA GLY D 24 3.46 43.50 8.52
C GLY D 24 4.52 44.58 8.56
N SER D 26 8.72 45.74 7.77
CA SER D 26 9.83 45.45 6.88
C SER D 26 11.07 45.23 7.72
N GLN D 27 11.95 44.36 7.26
CA GLN D 27 13.18 44.07 7.96
C GLN D 27 13.85 45.35 8.39
N LYS D 28 14.00 46.26 7.45
CA LYS D 28 14.62 47.53 7.75
C LYS D 28 14.06 48.15 9.02
N ASP D 29 12.75 48.07 9.22
CA ASP D 29 12.15 48.66 10.42
C ASP D 29 12.46 47.82 11.63
N ILE D 30 12.31 46.51 11.46
CA ILE D 30 12.58 45.56 12.52
C ILE D 30 14.03 45.59 12.93
N ALA D 31 14.91 45.98 12.02
CA ALA D 31 16.31 46.02 12.36
C ALA D 31 16.56 47.26 13.20
N ALA D 32 15.48 47.98 13.47
CA ALA D 32 15.55 49.19 14.29
C ALA D 32 14.75 48.99 15.58
N LYS D 33 13.62 48.31 15.47
CA LYS D 33 12.80 48.06 16.63
C LYS D 33 13.57 47.06 17.48
N GLU D 34 14.75 46.66 17.01
CA GLU D 34 15.57 45.67 17.70
C GLU D 34 17.03 46.08 17.61
N GLY D 35 17.27 47.23 17.00
CA GLY D 35 18.62 47.71 16.86
C GLY D 35 19.48 46.52 16.50
N LEU D 36 19.13 45.89 15.39
CA LEU D 36 19.86 44.75 14.90
C LEU D 36 20.36 45.18 13.53
N SER D 37 21.60 44.86 13.20
CA SER D 37 22.08 45.24 11.87
C SER D 37 21.12 44.55 10.90
N GLN D 38 20.81 45.23 9.79
CA GLN D 38 19.90 44.63 8.82
C GLN D 38 20.45 43.31 8.28
N ALA D 39 21.77 43.22 8.13
CA ALA D 39 22.36 42.00 7.65
C ALA D 39 21.90 40.93 8.62
N LYS D 40 22.09 41.20 9.92
CA LYS D 40 21.70 40.30 11.00
C LYS D 40 20.30 39.73 10.85
N VAL D 41 19.35 40.61 10.53
CA VAL D 41 17.95 40.21 10.36
C VAL D 41 17.81 39.21 9.24
N THR D 42 18.46 39.50 8.11
CA THR D 42 18.42 38.60 6.96
C THR D 42 18.83 37.23 7.45
N ARG D 43 19.98 37.20 8.14
CA ARG D 43 20.52 35.96 8.66
C ARG D 43 19.59 35.31 9.71
N ALA D 44 19.09 36.08 10.66
CA ALA D 44 18.21 35.47 11.63
C ALA D 44 17.06 34.82 10.83
N LEU D 45 16.42 35.63 10.00
CA LEU D 45 15.32 35.12 9.21
C LEU D 45 15.70 33.87 8.44
N GLN D 46 16.79 33.88 7.70
CA GLN D 46 17.11 32.67 6.96
C GLN D 46 17.14 31.50 7.93
N ALA D 47 17.79 31.69 9.07
CA ALA D 47 17.90 30.61 10.02
C ALA D 47 16.53 30.19 10.48
N ALA D 48 15.72 31.18 10.83
CA ALA D 48 14.39 30.86 11.32
C ALA D 48 13.68 29.90 10.37
N SER D 49 14.24 29.77 9.16
CA SER D 49 13.65 28.92 8.15
C SER D 49 13.90 27.42 8.29
N ALA D 50 15.09 27.00 8.70
CA ALA D 50 15.38 25.58 8.81
C ALA D 50 14.27 24.71 9.38
N PRO D 51 14.13 23.50 8.83
CA PRO D 51 13.12 22.50 9.22
C PRO D 51 13.00 22.32 10.70
N GLU D 52 11.87 22.71 11.28
CA GLU D 52 11.67 22.53 12.71
C GLU D 52 11.87 21.05 13.11
N GLU D 53 11.46 20.13 12.26
CA GLU D 53 11.63 18.71 12.57
C GLU D 53 13.08 18.26 12.61
N LEU D 54 14.00 19.10 12.14
CA LEU D 54 15.42 18.75 12.18
C LEU D 54 16.10 19.58 13.26
N VAL D 55 15.75 20.85 13.34
CA VAL D 55 16.36 21.69 14.37
C VAL D 55 16.12 21.03 15.72
N ALA D 56 14.98 20.38 15.88
CA ALA D 56 14.68 19.76 17.18
C ALA D 56 15.27 18.36 17.33
N LEU D 57 16.20 18.00 16.46
CA LEU D 57 16.84 16.70 16.59
C LEU D 57 18.12 16.88 17.40
N PHE D 58 18.48 18.13 17.64
CA PHE D 58 19.68 18.45 18.39
C PHE D 58 19.40 18.81 19.85
N PRO D 59 19.93 18.00 20.78
CA PRO D 59 19.74 18.21 22.21
C PRO D 59 20.20 19.59 22.65
N VAL D 60 21.16 20.16 21.95
CA VAL D 60 21.62 21.49 22.34
C VAL D 60 21.61 22.43 21.15
N GLN D 61 20.42 22.90 20.82
CA GLN D 61 20.24 23.80 19.70
C GLN D 61 21.14 25.02 19.80
N SER D 62 21.55 25.32 21.02
CA SER D 62 22.41 26.46 21.24
C SER D 62 23.71 26.29 20.43
N GLU D 63 24.03 25.05 20.12
CA GLU D 63 25.25 24.78 19.41
C GLU D 63 25.28 24.74 17.92
N LEU D 64 24.12 24.76 17.25
CA LEU D 64 24.08 24.76 15.79
C LEU D 64 24.53 26.14 15.35
N THR D 65 25.40 26.19 14.34
CA THR D 65 25.91 27.44 13.81
C THR D 65 24.94 27.92 12.75
N PHE D 66 25.25 29.04 12.11
CA PHE D 66 24.40 29.54 11.05
C PHE D 66 24.54 28.51 9.95
N SER D 67 25.74 28.35 9.41
CA SER D 67 25.96 27.38 8.35
C SER D 67 25.24 26.05 8.63
N ASP D 68 25.04 25.72 9.88
CA ASP D 68 24.33 24.48 10.18
C ASP D 68 22.89 24.69 9.76
N TYR D 69 22.27 25.72 10.32
CA TYR D 69 20.89 26.00 9.98
C TYR D 69 20.88 26.07 8.47
N LYS D 70 21.76 26.91 7.95
CA LYS D 70 21.86 27.06 6.54
C LYS D 70 21.86 25.68 5.84
N THR D 71 22.68 24.73 6.26
CA THR D 71 22.65 23.46 5.55
C THR D 71 21.52 22.53 5.98
N LEU D 72 20.76 22.88 6.99
CA LEU D 72 19.64 22.03 7.35
C LEU D 72 18.60 22.44 6.34
N CYS D 73 18.53 23.75 6.10
CA CYS D 73 17.63 24.32 5.10
C CYS D 73 17.85 23.55 3.82
N ALA D 74 19.11 23.30 3.56
CA ALA D 74 19.48 22.63 2.36
C ALA D 74 18.89 21.28 2.32
N VAL D 75 19.31 20.44 3.26
CA VAL D 75 18.81 19.07 3.33
C VAL D 75 17.30 19.12 3.20
N GLY D 76 16.70 19.97 4.00
CA GLY D 76 15.27 20.11 3.96
C GLY D 76 14.77 20.28 2.54
N ASP D 77 15.38 21.19 1.78
CA ASP D 77 14.98 21.44 0.40
C ASP D 77 15.10 20.15 -0.38
N GLU D 78 16.33 19.89 -0.81
CA GLU D 78 16.69 18.68 -1.51
C GLU D 78 15.75 17.51 -1.32
N GLY D 80 12.27 17.80 -0.73
CA GLY D 80 10.87 18.21 -0.80
C GLY D 80 10.44 19.23 0.22
N ASN D 81 10.61 18.84 1.48
CA ASN D 81 10.30 19.66 2.65
C ASN D 81 9.00 19.33 3.32
N LYS D 82 8.42 18.17 3.05
CA LYS D 82 7.21 17.92 3.77
C LYS D 82 7.40 16.89 4.83
N ASN D 83 6.79 17.22 5.95
CA ASN D 83 6.83 16.43 7.17
C ASN D 83 7.00 14.94 6.96
N LEU D 84 6.08 14.31 6.24
CA LEU D 84 6.17 12.88 6.07
C LEU D 84 7.48 12.34 5.54
N GLU D 85 8.30 13.16 4.93
CA GLU D 85 9.54 12.60 4.46
C GLU D 85 10.59 12.87 5.52
N PHE D 86 10.26 13.80 6.40
CA PHE D 86 11.13 14.12 7.52
C PHE D 86 11.04 12.93 8.46
N ASP D 87 9.82 12.65 8.90
CA ASP D 87 9.60 11.52 9.78
C ASP D 87 10.31 10.32 9.17
N GLN D 88 10.29 10.24 7.84
CA GLN D 88 10.92 9.12 7.16
C GLN D 88 12.39 9.09 7.46
N LEU D 89 13.00 10.27 7.48
CA LEU D 89 14.41 10.33 7.81
C LEU D 89 14.51 10.20 9.32
N ILE D 90 13.80 11.06 10.04
CA ILE D 90 13.84 11.05 11.50
C ILE D 90 13.69 9.69 12.17
N GLN D 91 13.10 8.71 11.51
CA GLN D 91 13.01 7.41 12.15
C GLN D 91 14.16 6.54 11.73
N ASN D 92 14.53 6.66 10.48
CA ASN D 92 15.65 5.86 10.07
C ASN D 92 16.88 6.12 10.95
N ILE D 93 17.03 7.31 11.51
CA ILE D 93 18.24 7.47 12.28
C ILE D 93 18.03 7.64 13.75
N SER D 94 16.78 7.84 14.17
CA SER D 94 16.42 8.02 15.57
C SER D 94 17.11 7.12 16.61
N PRO D 95 17.45 5.88 16.25
CA PRO D 95 18.11 5.02 17.25
C PRO D 95 19.48 5.62 17.53
N GLU D 96 20.24 5.82 16.46
CA GLU D 96 21.59 6.38 16.52
C GLU D 96 21.67 7.82 16.99
N ILE D 97 20.52 8.41 17.25
CA ILE D 97 20.50 9.78 17.74
C ILE D 97 20.29 9.67 19.23
N ASN D 98 19.50 8.68 19.63
CA ASN D 98 19.26 8.47 21.04
C ASN D 98 20.50 7.67 21.46
N ASP D 99 21.13 7.10 20.44
CA ASP D 99 22.34 6.32 20.59
C ASP D 99 23.38 7.31 20.98
N ILE D 100 23.84 8.08 19.99
CA ILE D 100 24.85 9.10 20.24
C ILE D 100 24.56 9.91 21.49
N LEU D 101 23.28 10.04 21.82
CA LEU D 101 22.88 10.81 23.00
C LEU D 101 23.07 10.03 24.28
N SER D 102 23.67 8.85 24.15
CA SER D 102 23.99 7.99 25.29
C SER D 102 25.51 8.06 25.50
N ILE D 103 26.25 8.23 24.40
CA ILE D 103 27.71 8.34 24.50
C ILE D 103 28.09 9.40 25.52
N ASN D 104 29.11 9.13 26.30
CA ASN D 104 29.49 10.08 27.32
C ASN D 104 30.75 10.89 27.03
N GLU D 105 31.73 10.28 26.38
CA GLU D 105 32.99 10.97 26.09
C GLU D 105 32.87 12.34 25.42
N ALA D 107 32.18 15.93 23.55
CA ALA D 107 31.58 17.18 24.00
C ALA D 107 30.36 17.51 23.16
N GLU D 108 29.59 18.43 23.69
CA GLU D 108 28.36 18.82 23.07
C GLU D 108 28.48 19.18 21.61
N ASP D 109 29.51 19.91 21.24
CA ASP D 109 29.65 20.29 19.84
C ASP D 109 29.95 19.05 19.02
N GLU D 110 30.65 18.08 19.60
CA GLU D 110 30.93 16.89 18.84
C GLU D 110 29.61 16.22 18.58
N VAL D 111 28.66 16.42 19.48
CA VAL D 111 27.34 15.84 19.31
C VAL D 111 26.71 16.44 18.06
N LYS D 112 26.39 17.73 18.08
CA LYS D 112 25.75 18.33 16.91
C LYS D 112 26.47 17.95 15.63
N ASN D 113 27.78 18.02 15.62
CA ASN D 113 28.45 17.65 14.41
C ASN D 113 28.15 16.24 13.96
N LYS D 114 28.12 15.29 14.87
CA LYS D 114 27.85 13.92 14.46
C LYS D 114 26.42 13.77 13.99
N ILE D 115 25.51 14.39 14.74
CA ILE D 115 24.09 14.36 14.41
C ILE D 115 23.86 15.05 13.07
N LEU D 116 24.44 16.22 12.87
CA LEU D 116 24.27 16.90 11.61
C LEU D 116 24.76 15.98 10.49
N ARG D 117 25.95 15.42 10.63
CA ARG D 117 26.46 14.53 9.59
C ARG D 117 25.51 13.36 9.33
N LEU D 118 24.82 12.91 10.36
CA LEU D 118 23.86 11.82 10.17
C LEU D 118 22.81 12.34 9.20
N ILE D 119 22.11 13.38 9.64
CA ILE D 119 21.06 14.05 8.87
C ILE D 119 21.40 14.35 7.41
N THR D 120 22.65 14.56 7.09
CA THR D 120 22.97 14.82 5.70
C THR D 120 23.09 13.49 4.95
N LYS D 121 23.44 12.45 5.68
CA LYS D 121 23.58 11.14 5.07
C LYS D 121 22.26 10.73 4.45
N GLU D 122 21.26 10.56 5.29
CA GLU D 122 19.93 10.16 4.82
C GLU D 122 19.48 10.91 3.57
N ALA D 123 19.47 12.22 3.69
CA ALA D 123 19.10 13.07 2.60
C ALA D 123 19.72 12.59 1.29
N SER D 124 21.03 12.41 1.25
CA SER D 124 21.70 12.02 0.01
C SER D 124 21.23 10.73 -0.69
N LEU D 125 21.11 9.64 0.07
CA LEU D 125 20.68 8.38 -0.54
C LEU D 125 19.17 8.30 -0.68
N LEU D 126 18.43 8.71 0.34
CA LEU D 126 16.98 8.67 0.25
C LEU D 126 16.45 9.49 -0.95
N THR D 127 17.24 10.46 -1.41
CA THR D 127 16.83 11.29 -2.54
C THR D 127 17.58 10.87 -3.79
N ASP D 128 18.34 9.80 -3.66
CA ASP D 128 19.10 9.26 -4.79
C ASP D 128 18.15 8.28 -5.46
N LYS D 129 17.45 7.51 -4.63
CA LYS D 129 16.49 6.51 -5.08
C LYS D 129 15.12 7.14 -5.36
N GLY D 130 15.12 8.46 -5.61
CA GLY D 130 13.86 9.15 -5.88
C GLY D 130 13.33 8.90 -7.27
N LYS D 134 12.27 16.12 -3.47
CA LYS D 134 11.50 15.13 -4.20
C LYS D 134 11.12 13.94 -3.32
N SER D 135 11.01 12.76 -3.93
CA SER D 135 10.62 11.55 -3.21
C SER D 135 11.71 11.06 -2.28
N VAL D 136 11.33 10.19 -1.36
CA VAL D 136 12.26 9.61 -0.40
C VAL D 136 12.05 8.10 -0.39
N VAL D 137 13.11 7.34 -0.67
CA VAL D 137 12.99 5.90 -0.71
C VAL D 137 13.96 5.18 0.21
N THR D 138 13.41 4.47 1.18
CA THR D 138 14.24 3.71 2.12
C THR D 138 14.20 2.25 1.71
N GLU D 139 15.30 1.53 1.91
CA GLU D 139 15.37 0.13 1.54
C GLU D 139 14.79 -0.73 2.65
N LEU D 140 13.57 -1.19 2.45
CA LEU D 140 12.87 -2.00 3.44
C LEU D 140 13.60 -3.31 3.67
N TRP D 141 14.37 -3.71 2.68
CA TRP D 141 15.13 -4.94 2.76
C TRP D 141 16.04 -5.03 1.56
N LYS D 142 17.22 -5.62 1.73
CA LYS D 142 18.15 -5.70 0.61
C LYS D 142 18.34 -7.13 0.12
N PHE D 143 17.98 -7.34 -1.14
CA PHE D 143 18.11 -8.65 -1.78
C PHE D 143 19.27 -8.54 -2.77
N GLU D 144 20.20 -9.49 -2.72
CA GLU D 144 21.36 -9.46 -3.60
C GLU D 144 21.02 -9.43 -5.09
N ASP D 145 19.77 -9.67 -5.44
CA ASP D 145 19.39 -9.68 -6.85
C ASP D 145 19.21 -8.30 -7.50
N LYS D 146 19.80 -8.17 -8.70
CA LYS D 146 19.76 -6.96 -9.53
C LYS D 146 18.32 -6.56 -9.86
N ASP D 147 17.36 -7.35 -9.40
CA ASP D 147 15.97 -7.04 -9.66
C ASP D 147 15.01 -7.63 -8.66
N ARG D 148 15.45 -7.71 -7.43
CA ARG D 148 14.62 -8.25 -6.36
C ARG D 148 14.67 -7.24 -5.24
N PHE D 149 13.57 -6.51 -5.04
CA PHE D 149 13.55 -5.49 -4.01
C PHE D 149 12.26 -5.45 -3.21
N ALA D 150 12.36 -4.88 -2.02
CA ALA D 150 11.22 -4.68 -1.16
C ALA D 150 11.56 -3.35 -0.52
N ARG D 151 10.76 -2.32 -0.81
CA ARG D 151 11.03 -0.99 -0.24
C ARG D 151 9.84 -0.14 0.20
N LYS D 152 10.14 1.04 0.69
CA LYS D 152 9.13 1.98 1.16
C LYS D 152 9.41 3.29 0.47
N ARG D 153 8.35 3.97 0.03
CA ARG D 153 8.54 5.24 -0.65
C ARG D 153 7.56 6.29 -0.23
N VAL D 154 8.12 7.48 -0.03
CA VAL D 154 7.37 8.65 0.39
C VAL D 154 7.71 9.82 -0.49
N LYS D 155 6.69 10.62 -0.72
CA LYS D 155 6.79 11.85 -1.47
C LYS D 155 5.37 12.36 -1.40
N GLY D 156 5.24 13.65 -1.12
CA GLY D 156 3.91 14.18 -1.00
C GLY D 156 3.37 13.54 0.25
N ARG D 157 2.06 13.62 0.46
CA ARG D 157 1.45 13.06 1.64
C ARG D 157 1.05 11.66 1.25
N ALA D 158 1.87 11.07 0.38
CA ALA D 158 1.62 9.74 -0.14
C ALA D 158 2.76 8.76 0.02
N PHE D 159 2.46 7.63 0.64
CA PHE D 159 3.46 6.60 0.87
C PHE D 159 3.02 5.31 0.20
N SER D 160 3.99 4.45 -0.11
CA SER D 160 3.67 3.18 -0.72
C SER D 160 4.75 2.14 -0.41
N TYR D 161 4.35 0.89 -0.34
CA TYR D 161 5.29 -0.20 -0.11
C TYR D 161 5.47 -0.97 -1.41
N GLU D 162 6.51 -0.62 -2.14
CA GLU D 162 6.85 -1.23 -3.42
C GLU D 162 7.69 -2.48 -3.30
N PHE D 163 7.25 -3.56 -3.92
CA PHE D 163 8.00 -4.80 -3.89
C PHE D 163 8.14 -5.31 -5.33
N ASN D 164 8.87 -6.41 -5.49
CA ASN D 164 9.08 -6.93 -6.82
C ASN D 164 9.83 -8.24 -6.80
N ARG D 165 9.35 -9.20 -7.57
CA ARG D 165 10.01 -10.48 -7.64
C ARG D 165 10.01 -11.17 -6.28
N LEU D 166 8.84 -11.36 -5.69
CA LEU D 166 8.72 -12.04 -4.40
C LEU D 166 7.68 -13.16 -4.50
N SER D 167 7.76 -14.11 -3.58
CA SER D 167 6.85 -15.22 -3.60
C SER D 167 5.41 -14.83 -3.59
N LYS D 168 4.58 -15.68 -4.18
CA LYS D 168 3.14 -15.46 -4.22
C LYS D 168 2.70 -15.40 -2.77
N GLU D 169 3.15 -16.37 -1.98
CA GLU D 169 2.79 -16.43 -0.57
C GLU D 169 2.96 -15.07 0.10
N LEU D 170 4.09 -14.43 -0.15
CA LEU D 170 4.32 -13.12 0.42
C LEU D 170 3.17 -12.22 0.02
N GLN D 171 2.92 -12.15 -1.28
CA GLN D 171 1.86 -11.32 -1.78
C GLN D 171 0.47 -11.66 -1.25
N GLU D 172 0.23 -12.92 -0.94
CA GLU D 172 -1.08 -13.30 -0.43
C GLU D 172 -1.21 -12.75 1.00
N GLU D 173 -0.18 -12.95 1.82
CA GLU D 173 -0.20 -12.44 3.18
C GLU D 173 -0.41 -10.93 3.22
N LEU D 174 0.56 -10.19 2.68
CA LEU D 174 0.48 -8.74 2.67
C LEU D 174 -0.90 -8.34 2.23
N ASP D 175 -1.32 -8.92 1.12
CA ASP D 175 -2.63 -8.63 0.59
C ASP D 175 -3.68 -8.84 1.66
N ARG D 176 -3.60 -9.97 2.34
CA ARG D 176 -4.55 -10.31 3.38
C ARG D 176 -4.41 -9.29 4.51
N ILE D 178 -2.71 -6.17 5.00
CA ILE D 178 -3.07 -4.82 4.57
C ILE D 178 -4.58 -4.76 4.41
N GLY D 179 -5.14 -5.87 3.95
CA GLY D 179 -6.57 -5.98 3.74
C GLY D 179 -7.32 -5.60 4.98
N HIS D 180 -6.95 -6.20 6.10
CA HIS D 180 -7.62 -5.89 7.34
C HIS D 180 -7.19 -4.58 7.95
N ILE D 181 -5.89 -4.34 7.97
CA ILE D 181 -5.38 -3.09 8.52
C ILE D 181 -6.15 -1.87 8.02
N LEU D 182 -6.72 -1.95 6.82
CA LEU D 182 -7.49 -0.85 6.28
C LEU D 182 -8.92 -1.05 6.80
N ARG D 183 -9.53 -2.16 6.40
CA ARG D 183 -10.90 -2.50 6.83
C ARG D 183 -11.13 -2.06 8.25
N LYS D 184 -10.13 -2.31 9.07
CA LYS D 184 -10.19 -1.98 10.46
C LYS D 184 -10.34 -0.50 10.68
N SER D 185 -9.50 0.29 10.01
CA SER D 185 -9.54 1.73 10.19
C SER D 185 -10.47 2.56 9.32
N LEU D 186 -10.66 2.20 8.05
CA LEU D 186 -11.57 3.00 7.24
C LEU D 186 -12.99 2.88 7.80
N ASP D 187 -13.19 1.92 8.70
CA ASP D 187 -14.49 1.71 9.30
C ASP D 187 -14.68 2.67 10.48
#